data_3RSF
#
_entry.id   3RSF
#
_cell.length_a   122.378
_cell.length_b   122.378
_cell.length_c   155.434
_cell.angle_alpha   90.00
_cell.angle_beta   90.00
_cell.angle_gamma   90.00
#
_symmetry.space_group_name_H-M   'I 4 2 2'
#
loop_
_entity.id
_entity.type
_entity.pdbx_description
1 polymer 'Putative uncharacterized protein'
2 polymer 'Unknown peptide, probably from expression host'
3 non-polymer 'POTASSIUM ION'
4 non-polymer "BIS(ADENOSINE)-5'-TETRAPHOSPHATE"
5 water water
#
loop_
_entity_poly.entity_id
_entity_poly.type
_entity_poly.pdbx_seq_one_letter_code
_entity_poly.pdbx_strand_id
1 'polypeptide(L)'
;MGSDKIHHHHHHMKEIDELTIKEYGVDSRILMERAGISVVLAMEEELGNLSDYRFLVLCGGGNNGGDGFVVARNLLGVVK
DVLVVFLGKKKTPDCEYNYGLYKKFGGKVVEQFEPSILNEFDVVVDAIFGTGLRGEITGEYAEIINLVNKSGKVVVSVDV
PSGIDSNTGKVLRTAVKADLTVTFGVPKIGHILFPGRDLTGKLKVANIGHPVHLINSINRYVITREMVRSLLPERPRDSH
KGTYGKVLIIAGSRLYSGAPVLSGMGSLKVGTGLVKLAVPFPQNLIATSRFPELISVPIDTEKGFFSLQNLQECLELSKD
VDVVAIGPGLGNNEHVREFVNEFLKTLEKPAVIDADAINVLDTSVLKERKSPAVLTPHPGEMARLVKKTVGDVKYNYELA
EEFAKENDCVLVLKSATTIVTDGEKTLFNITGNTGLSKGGSGDVLTGMIAGFIAQGLSPLEASTVSVYLHGFAAELFEQD
ERGLTASELLRLIPEAIRRLKE
;
A
2 'polypeptide(L)' AAWLFEA B
#
loop_
_chem_comp.id
_chem_comp.type
_chem_comp.name
_chem_comp.formula
B4P non-polymer BIS(ADENOSINE)-5'-TETRAPHOSPHATE 'C20 H28 N10 O19 P4'
K non-polymer 'POTASSIUM ION' 'K 1'
#
# COMPACT_ATOMS: atom_id res chain seq x y z
N HIS A 12 4.46 -15.79 8.62
CA HIS A 12 5.21 -14.74 9.29
C HIS A 12 6.68 -14.96 9.04
N MET A 13 7.49 -13.92 9.10
CA MET A 13 8.86 -14.00 8.63
C MET A 13 9.85 -14.37 9.69
N LYS A 14 9.57 -14.05 10.94
CA LYS A 14 10.51 -14.42 11.96
C LYS A 14 10.33 -15.89 12.26
N GLU A 15 9.20 -16.43 11.84
CA GLU A 15 8.97 -17.81 12.02
C GLU A 15 9.56 -18.53 10.85
N ILE A 16 9.83 -17.79 9.81
CA ILE A 16 10.46 -18.36 8.62
C ILE A 16 11.96 -18.52 8.83
N ASP A 17 12.61 -17.52 9.44
CA ASP A 17 13.98 -17.69 9.95
C ASP A 17 14.12 -18.98 10.81
N GLU A 18 13.23 -19.13 11.81
CA GLU A 18 13.32 -20.23 12.76
C GLU A 18 13.23 -21.57 12.06
N LEU A 19 12.24 -21.70 11.18
CA LEU A 19 12.02 -22.93 10.46
C LEU A 19 13.24 -23.23 9.59
N THR A 20 13.79 -22.18 8.95
CA THR A 20 14.90 -22.36 8.02
C THR A 20 16.11 -22.89 8.81
N ILE A 21 16.31 -22.37 10.02
CA ILE A 21 17.40 -22.82 10.90
C ILE A 21 17.06 -24.19 11.50
N LYS A 22 15.93 -24.27 12.16
CA LYS A 22 15.60 -25.40 13.03
C LYS A 22 15.12 -26.66 12.25
N GLU A 23 14.31 -26.49 11.20
CA GLU A 23 13.79 -27.68 10.48
C GLU A 23 14.58 -27.98 9.20
N TYR A 24 15.00 -26.96 8.48
CA TYR A 24 15.72 -27.13 7.21
C TYR A 24 17.21 -27.27 7.49
N GLY A 25 17.65 -26.78 8.63
CA GLY A 25 19.01 -26.98 9.04
C GLY A 25 20.05 -26.04 8.50
N VAL A 26 19.63 -24.87 8.06
CA VAL A 26 20.63 -23.87 7.62
C VAL A 26 21.24 -23.24 8.85
N ASP A 27 22.56 -23.28 9.00
CA ASP A 27 23.21 -22.61 10.12
C ASP A 27 22.82 -21.13 10.14
N SER A 28 22.49 -20.62 11.34
CA SER A 28 22.14 -19.23 11.48
C SER A 28 23.32 -18.31 11.09
N ARG A 29 24.54 -18.78 11.25
CA ARG A 29 25.68 -17.98 10.80
C ARG A 29 25.71 -17.78 9.30
N ILE A 30 25.23 -18.77 8.55
CA ILE A 30 25.14 -18.70 7.08
C ILE A 30 24.11 -17.68 6.64
N LEU A 31 22.93 -17.70 7.25
CA LEU A 31 21.93 -16.68 6.97
C LEU A 31 22.46 -15.30 7.33
N MET A 32 23.14 -15.18 8.47
CA MET A 32 23.68 -13.87 8.84
C MET A 32 24.76 -13.37 7.80
N GLU A 33 25.57 -14.29 7.31
CA GLU A 33 26.58 -13.93 6.29
C GLU A 33 25.93 -13.45 5.00
N ARG A 34 24.99 -14.23 4.50
CA ARG A 34 24.27 -13.86 3.29
C ARG A 34 23.60 -12.49 3.46
N ALA A 35 23.08 -12.17 4.66
CA ALA A 35 22.44 -10.90 4.89
C ALA A 35 23.44 -9.76 4.76
N GLY A 36 24.59 -9.89 5.39
CA GLY A 36 25.59 -8.85 5.31
C GLY A 36 26.12 -8.62 3.93
N ILE A 37 26.38 -9.69 3.19
CA ILE A 37 26.94 -9.49 1.87
C ILE A 37 25.93 -8.89 0.93
N SER A 38 24.65 -9.21 1.12
CA SER A 38 23.59 -8.58 0.35
C SER A 38 23.63 -7.09 0.56
N VAL A 39 23.87 -6.69 1.80
CA VAL A 39 23.94 -5.24 2.07
C VAL A 39 25.07 -4.63 1.28
N VAL A 40 26.23 -5.28 1.26
CA VAL A 40 27.38 -4.74 0.51
C VAL A 40 27.05 -4.66 -0.99
N LEU A 41 26.45 -5.69 -1.56
CA LEU A 41 26.15 -5.63 -3.01
C LEU A 41 25.13 -4.57 -3.33
N ALA A 42 24.15 -4.40 -2.45
CA ALA A 42 23.11 -3.42 -2.63
C ALA A 42 23.73 -1.98 -2.64
N MET A 43 24.66 -1.73 -1.73
CA MET A 43 25.34 -0.42 -1.68
C MET A 43 26.20 -0.15 -2.92
N GLU A 44 26.88 -1.19 -3.37
CA GLU A 44 27.67 -1.11 -4.57
C GLU A 44 26.79 -0.76 -5.79
N GLU A 45 25.66 -1.42 -5.93
CA GLU A 45 24.62 -1.12 -6.95
C GLU A 45 24.08 0.29 -6.84
N GLU A 46 24.02 0.86 -5.66
CA GLU A 46 23.51 2.21 -5.51
C GLU A 46 24.59 3.31 -5.56
N LEU A 47 25.79 3.02 -5.05
CA LEU A 47 26.87 3.99 -4.93
C LEU A 47 27.99 3.88 -5.98
N GLY A 48 27.97 2.82 -6.79
CA GLY A 48 29.07 2.49 -7.68
C GLY A 48 30.22 1.91 -6.88
N ASN A 49 31.42 2.00 -7.41
CA ASN A 49 32.58 1.50 -6.72
C ASN A 49 32.70 2.03 -5.30
N LEU A 50 32.89 1.12 -4.37
CA LEU A 50 32.90 1.47 -2.95
C LEU A 50 34.27 1.92 -2.47
N SER A 51 35.32 1.71 -3.26
CA SER A 51 36.65 1.85 -2.70
C SER A 51 36.98 3.29 -2.28
N ASP A 52 36.25 4.27 -2.78
CA ASP A 52 36.46 5.67 -2.45
C ASP A 52 35.80 6.16 -1.15
N TYR A 53 35.03 5.32 -0.50
CA TYR A 53 34.16 5.77 0.56
C TYR A 53 34.64 5.29 1.94
N ARG A 54 34.42 6.13 2.93
CA ARG A 54 34.70 5.80 4.30
C ARG A 54 33.36 5.44 4.97
N PHE A 55 33.31 4.28 5.63
CA PHE A 55 32.05 3.73 6.22
C PHE A 55 32.03 3.71 7.76
N LEU A 56 30.92 4.19 8.35
CA LEU A 56 30.70 4.14 9.79
C LEU A 56 29.55 3.19 10.02
N VAL A 57 29.80 2.10 10.72
CA VAL A 57 28.80 1.05 10.97
C VAL A 57 28.39 1.12 12.42
N LEU A 58 27.11 1.37 12.65
CA LEU A 58 26.53 1.48 13.97
C LEU A 58 25.83 0.16 14.28
N CYS A 59 26.32 -0.57 15.27
CA CYS A 59 25.89 -1.91 15.52
C CYS A 59 25.31 -2.01 16.91
N GLY A 60 24.10 -2.55 16.99
CA GLY A 60 23.54 -2.95 18.28
C GLY A 60 24.08 -4.32 18.67
N GLY A 61 23.63 -4.78 19.81
CA GLY A 61 23.96 -6.06 20.31
C GLY A 61 23.11 -7.23 19.86
N GLY A 62 22.11 -6.99 19.03
CA GLY A 62 21.26 -8.09 18.53
C GLY A 62 21.73 -8.60 17.18
N ASN A 63 20.91 -9.42 16.54
CA ASN A 63 21.29 -9.98 15.24
C ASN A 63 21.34 -8.93 14.11
N ASN A 64 20.64 -7.81 14.26
CA ASN A 64 20.76 -6.73 13.30
C ASN A 64 22.22 -6.22 13.33
N GLY A 65 22.71 -6.03 14.55
CA GLY A 65 24.11 -5.63 14.71
C GLY A 65 25.08 -6.66 14.17
N GLY A 66 24.74 -7.94 14.34
CA GLY A 66 25.57 -9.04 13.80
C GLY A 66 25.66 -8.92 12.29
N ASP A 67 24.53 -8.62 11.66
CA ASP A 67 24.50 -8.31 10.22
C ASP A 67 25.46 -7.15 9.91
N GLY A 68 25.46 -6.12 10.75
CA GLY A 68 26.37 -5.02 10.59
C GLY A 68 27.84 -5.40 10.69
N PHE A 69 28.19 -6.26 11.64
CA PHE A 69 29.55 -6.75 11.74
C PHE A 69 29.98 -7.50 10.50
N VAL A 70 29.08 -8.24 9.89
CA VAL A 70 29.37 -8.92 8.65
C VAL A 70 29.66 -7.87 7.55
N VAL A 71 28.80 -6.85 7.45
CA VAL A 71 29.02 -5.78 6.48
C VAL A 71 30.41 -5.19 6.69
N ALA A 72 30.73 -4.87 7.95
CA ALA A 72 31.96 -4.12 8.23
C ALA A 72 33.16 -4.98 7.87
N ARG A 73 33.11 -6.25 8.23
CA ARG A 73 34.23 -7.12 7.95
C ARG A 73 34.48 -7.26 6.44
N ASN A 74 33.42 -7.39 5.66
CA ASN A 74 33.53 -7.53 4.22
C ASN A 74 33.97 -6.25 3.47
N LEU A 75 33.85 -5.07 4.11
CA LEU A 75 34.45 -3.85 3.59
C LEU A 75 35.94 -3.70 3.93
N LEU A 76 36.42 -4.42 4.97
CA LEU A 76 37.82 -4.33 5.39
C LEU A 76 38.78 -4.60 4.20
N GLY A 77 39.71 -3.65 4.04
CA GLY A 77 40.73 -3.71 3.01
C GLY A 77 40.24 -3.48 1.61
N VAL A 78 38.99 -3.10 1.43
CA VAL A 78 38.47 -2.85 0.10
C VAL A 78 38.08 -1.39 -0.10
N VAL A 79 37.71 -0.75 0.99
CA VAL A 79 37.28 0.62 1.00
C VAL A 79 38.31 1.44 1.78
N LYS A 80 38.13 2.75 1.77
CA LYS A 80 39.06 3.66 2.39
C LYS A 80 39.19 3.51 3.89
N ASP A 81 38.08 3.41 4.60
CA ASP A 81 38.10 3.28 6.05
C ASP A 81 36.79 2.69 6.50
N VAL A 82 36.88 1.86 7.54
CA VAL A 82 35.74 1.30 8.25
C VAL A 82 35.96 1.50 9.72
N LEU A 83 34.92 1.93 10.43
CA LEU A 83 34.89 1.97 11.88
C LEU A 83 33.53 1.45 12.33
N VAL A 84 33.51 0.61 13.34
CA VAL A 84 32.27 0.20 13.93
C VAL A 84 32.12 0.86 15.30
N VAL A 85 30.96 1.45 15.53
CA VAL A 85 30.59 1.95 16.84
C VAL A 85 29.59 0.96 17.37
N PHE A 86 29.99 0.22 18.39
CA PHE A 86 29.15 -0.78 18.99
C PHE A 86 28.41 -0.12 20.16
N LEU A 87 27.09 -0.19 20.11
CA LEU A 87 26.23 0.60 21.00
C LEU A 87 25.47 -0.23 22.00
N GLY A 88 25.48 -1.55 21.87
CA GLY A 88 24.73 -2.39 22.79
C GLY A 88 25.49 -2.78 24.05
N LYS A 89 24.84 -3.57 24.90
CA LYS A 89 25.49 -4.13 26.09
C LYS A 89 25.90 -5.57 25.73
N LYS A 90 25.02 -6.54 25.92
CA LYS A 90 25.30 -7.93 25.53
C LYS A 90 25.31 -8.08 24.02
N LYS A 91 25.85 -9.21 23.57
CA LYS A 91 25.82 -9.61 22.19
C LYS A 91 25.12 -10.95 22.10
N THR A 92 24.26 -11.14 21.10
CA THR A 92 23.68 -12.46 20.86
C THR A 92 24.82 -13.33 20.30
N PRO A 93 24.61 -14.65 20.27
CA PRO A 93 25.73 -15.54 19.84
C PRO A 93 26.20 -15.26 18.42
N ASP A 94 25.30 -15.00 17.50
CA ASP A 94 25.73 -14.72 16.13
C ASP A 94 26.36 -13.37 16.02
N CYS A 95 25.90 -12.38 16.81
CA CYS A 95 26.54 -11.08 16.79
C CYS A 95 27.97 -11.19 17.35
N GLU A 96 28.11 -11.90 18.45
CA GLU A 96 29.40 -12.15 19.08
C GLU A 96 30.39 -12.82 18.09
N TYR A 97 29.96 -13.91 17.47
CA TYR A 97 30.77 -14.60 16.47
C TYR A 97 31.26 -13.61 15.39
N ASN A 98 30.34 -12.81 14.88
CA ASN A 98 30.67 -11.90 13.81
C ASN A 98 31.51 -10.68 14.25
N TYR A 99 31.31 -10.24 15.48
CA TYR A 99 32.17 -9.26 16.13
C TYR A 99 33.56 -9.80 16.26
N GLY A 100 33.67 -11.03 16.75
CA GLY A 100 34.97 -11.70 16.78
C GLY A 100 35.69 -11.82 15.44
N LEU A 101 34.96 -12.21 14.39
CA LEU A 101 35.54 -12.21 13.03
C LEU A 101 36.06 -10.83 12.58
N TYR A 102 35.24 -9.81 12.79
CA TYR A 102 35.61 -8.42 12.42
C TYR A 102 36.95 -8.07 13.04
N LYS A 103 37.10 -8.31 14.34
CA LYS A 103 38.38 -8.02 15.03
C LYS A 103 39.56 -8.83 14.57
N LYS A 104 39.36 -10.14 14.38
CA LYS A 104 40.42 -11.02 13.89
C LYS A 104 40.84 -10.55 12.50
N PHE A 105 39.88 -10.02 11.74
CA PHE A 105 40.20 -9.49 10.42
C PHE A 105 40.95 -8.15 10.47
N GLY A 106 41.22 -7.60 11.65
CA GLY A 106 41.89 -6.29 11.78
C GLY A 106 40.93 -5.12 11.94
N GLY A 107 39.66 -5.39 12.16
CA GLY A 107 38.69 -4.33 12.29
C GLY A 107 38.79 -3.50 13.53
N LYS A 108 38.41 -2.23 13.42
CA LYS A 108 38.43 -1.30 14.57
C LYS A 108 37.00 -1.09 15.10
N VAL A 109 36.84 -1.26 16.41
CA VAL A 109 35.58 -1.02 17.10
C VAL A 109 35.75 -0.01 18.19
N VAL A 110 34.81 0.89 18.33
CA VAL A 110 34.76 1.74 19.52
C VAL A 110 33.40 1.52 20.15
N GLU A 111 33.28 1.91 21.42
CA GLU A 111 32.03 1.84 22.18
C GLU A 111 31.51 3.20 22.61
N GLN A 112 32.32 4.24 22.46
CA GLN A 112 31.92 5.59 22.78
C GLN A 112 31.69 6.32 21.44
N PHE A 113 30.59 7.05 21.35
CA PHE A 113 30.21 7.79 20.16
C PHE A 113 30.47 9.26 20.47
N GLU A 114 31.39 9.87 19.73
CA GLU A 114 31.62 11.29 19.86
C GLU A 114 30.84 12.05 18.75
N PRO A 115 29.98 13.04 19.12
CA PRO A 115 29.22 13.84 18.13
C PRO A 115 29.94 14.15 16.81
N SER A 116 31.20 14.55 16.86
CA SER A 116 31.98 14.87 15.66
C SER A 116 32.46 13.68 14.82
N ILE A 117 32.25 12.45 15.28
CA ILE A 117 32.75 11.28 14.58
C ILE A 117 32.20 11.16 13.15
N LEU A 118 31.00 11.69 12.92
CA LEU A 118 30.41 11.71 11.59
C LEU A 118 31.25 12.47 10.56
N ASN A 119 32.01 13.48 11.01
CA ASN A 119 32.82 14.29 10.09
C ASN A 119 33.81 13.55 9.24
N GLU A 120 34.29 12.40 9.69
CA GLU A 120 35.34 11.65 9.02
C GLU A 120 34.82 10.46 8.19
N PHE A 121 33.51 10.40 7.97
CA PHE A 121 32.90 9.29 7.24
C PHE A 121 31.94 9.75 6.17
N ASP A 122 31.75 8.93 5.17
CA ASP A 122 30.87 9.28 4.06
C ASP A 122 29.55 8.52 4.14
N VAL A 123 29.57 7.30 4.64
CA VAL A 123 28.40 6.46 4.69
C VAL A 123 28.20 5.91 6.10
N VAL A 124 26.98 6.01 6.60
CA VAL A 124 26.54 5.41 7.82
C VAL A 124 25.73 4.17 7.50
N VAL A 125 26.18 3.02 8.01
CA VAL A 125 25.43 1.79 7.91
C VAL A 125 24.71 1.65 9.27
N ASP A 126 23.41 1.63 9.24
CA ASP A 126 22.57 1.64 10.45
C ASP A 126 22.14 0.20 10.72
N ALA A 127 22.84 -0.46 11.65
CA ALA A 127 22.52 -1.82 12.09
C ALA A 127 22.29 -1.82 13.63
N ILE A 128 21.59 -0.82 14.16
CA ILE A 128 21.35 -0.70 15.62
C ILE A 128 20.18 -1.61 16.05
N PHE A 129 18.99 -1.34 15.52
CA PHE A 129 17.80 -2.18 15.81
C PHE A 129 17.10 -2.58 14.53
N GLY A 130 16.76 -3.85 14.41
CA GLY A 130 15.87 -4.24 13.33
C GLY A 130 14.49 -4.63 13.87
N THR A 131 14.07 -5.84 13.52
CA THR A 131 12.76 -6.31 13.90
C THR A 131 12.68 -6.58 15.38
N GLY A 132 13.82 -6.57 16.07
CA GLY A 132 13.81 -6.72 17.53
C GLY A 132 13.60 -5.46 18.35
N LEU A 133 13.31 -4.35 17.69
CA LEU A 133 12.93 -3.10 18.39
C LEU A 133 11.72 -3.31 19.27
N ARG A 134 11.84 -2.98 20.56
CA ARG A 134 10.73 -3.00 21.51
C ARG A 134 10.69 -1.67 22.25
N GLY A 135 9.54 -1.00 22.17
CA GLY A 135 9.34 0.24 22.85
C GLY A 135 10.15 1.36 22.26
N GLU A 136 10.01 2.52 22.91
CA GLU A 136 10.59 3.79 22.44
C GLU A 136 12.10 3.80 22.56
N ILE A 137 12.75 4.47 21.62
CA ILE A 137 14.17 4.67 21.68
C ILE A 137 14.45 5.94 22.47
N THR A 138 15.32 5.85 23.46
CA THR A 138 15.65 6.97 24.32
C THR A 138 17.17 7.05 24.57
N GLY A 139 17.59 8.09 25.29
CA GLY A 139 18.99 8.21 25.72
C GLY A 139 19.95 8.17 24.54
N GLU A 140 21.08 7.53 24.76
CA GLU A 140 22.17 7.47 23.79
C GLU A 140 21.74 7.03 22.42
N TYR A 141 20.98 5.94 22.38
CA TYR A 141 20.54 5.41 21.11
C TYR A 141 19.86 6.55 20.31
N ALA A 142 19.00 7.30 21.00
CA ALA A 142 18.25 8.39 20.40
C ALA A 142 19.16 9.55 19.97
N GLU A 143 20.09 9.98 20.85
CA GLU A 143 20.97 11.12 20.53
C GLU A 143 21.78 10.79 19.27
N ILE A 144 22.19 9.53 19.14
CA ILE A 144 22.97 9.06 18.00
C ILE A 144 22.14 9.03 16.70
N ILE A 145 20.89 8.61 16.81
CA ILE A 145 19.99 8.62 15.65
C ILE A 145 19.71 10.04 15.19
N ASN A 146 19.51 10.94 16.14
CA ASN A 146 19.28 12.37 15.83
C ASN A 146 20.52 12.99 15.13
N LEU A 147 21.70 12.69 15.66
CA LEU A 147 22.95 13.14 15.03
C LEU A 147 23.10 12.58 13.62
N VAL A 148 22.85 11.29 13.41
CA VAL A 148 22.91 10.72 12.05
C VAL A 148 21.90 11.42 11.12
N ASN A 149 20.67 11.64 11.58
CA ASN A 149 19.67 12.39 10.81
C ASN A 149 20.04 13.84 10.50
N LYS A 150 20.79 14.52 11.35
CA LYS A 150 21.19 15.91 11.06
C LYS A 150 22.47 15.98 10.20
N SER A 151 23.09 14.86 9.87
CA SER A 151 24.49 14.85 9.40
C SER A 151 24.67 14.99 7.91
N GLY A 152 23.60 14.74 7.14
CA GLY A 152 23.65 14.83 5.68
C GLY A 152 24.43 13.71 4.97
N LYS A 153 24.89 12.71 5.72
CA LYS A 153 25.56 11.59 5.09
C LYS A 153 24.58 10.67 4.41
N VAL A 154 25.12 9.83 3.55
CA VAL A 154 24.40 8.70 3.00
C VAL A 154 24.16 7.61 4.05
N VAL A 155 22.90 7.25 4.27
CA VAL A 155 22.51 6.26 5.27
C VAL A 155 21.89 5.00 4.65
N VAL A 156 22.44 3.85 5.05
CA VAL A 156 22.00 2.55 4.60
C VAL A 156 21.55 1.80 5.83
N SER A 157 20.26 1.44 5.91
CA SER A 157 19.73 0.72 7.02
C SER A 157 19.66 -0.77 6.70
N VAL A 158 20.10 -1.56 7.69
CA VAL A 158 20.05 -2.97 7.60
C VAL A 158 18.68 -3.43 8.12
N ASP A 159 17.92 -4.08 7.22
CA ASP A 159 16.60 -4.71 7.53
C ASP A 159 15.43 -3.72 7.59
N VAL A 160 15.45 -2.83 8.56
CA VAL A 160 14.47 -1.75 8.67
C VAL A 160 15.20 -0.60 9.32
N PRO A 161 14.90 0.62 8.95
CA PRO A 161 15.56 1.70 9.65
C PRO A 161 15.32 1.64 11.18
N SER A 162 16.37 1.86 11.98
CA SER A 162 16.25 1.72 13.42
C SER A 162 15.23 2.69 13.98
N GLY A 163 14.25 2.19 14.73
CA GLY A 163 13.21 3.03 15.25
C GLY A 163 11.88 2.89 14.55
N ILE A 164 11.86 2.18 13.42
CA ILE A 164 10.61 1.83 12.77
C ILE A 164 10.10 0.48 13.28
N ASP A 165 8.88 0.45 13.82
CA ASP A 165 8.19 -0.81 14.18
C ASP A 165 7.86 -1.57 12.90
N SER A 166 8.42 -2.75 12.79
CA SER A 166 8.42 -3.44 11.51
C SER A 166 7.02 -4.06 11.21
N ASN A 167 6.16 -4.12 12.22
CA ASN A 167 4.77 -4.56 12.05
C ASN A 167 3.77 -3.47 11.80
N THR A 168 4.10 -2.22 12.10
CA THR A 168 3.11 -1.17 11.92
C THR A 168 3.60 0.00 11.04
N GLY A 169 4.91 0.18 10.89
CA GLY A 169 5.43 1.36 10.21
C GLY A 169 5.47 2.62 11.07
N LYS A 170 5.14 2.49 12.34
CA LYS A 170 5.16 3.62 13.26
C LYS A 170 6.55 3.90 13.75
N VAL A 171 6.81 5.18 14.04
CA VAL A 171 8.10 5.63 14.55
C VAL A 171 8.09 5.55 16.08
N LEU A 172 8.98 4.76 16.67
CA LEU A 172 8.98 4.64 18.12
C LEU A 172 9.89 5.70 18.75
N ARG A 173 9.28 6.86 18.99
CA ARG A 173 9.91 8.13 19.39
C ARG A 173 10.86 8.74 18.40
N THR A 174 11.87 8.00 17.98
CA THR A 174 12.69 8.54 16.90
C THR A 174 13.19 7.42 16.05
N ALA A 175 13.49 7.75 14.80
CA ALA A 175 13.95 6.75 13.84
C ALA A 175 14.87 7.32 12.80
N VAL A 176 15.64 6.43 12.21
CA VAL A 176 16.62 6.77 11.24
C VAL A 176 15.96 7.00 9.91
N LYS A 177 16.35 8.05 9.24
CA LYS A 177 15.88 8.28 7.89
C LYS A 177 16.95 7.78 6.93
N ALA A 178 16.66 6.70 6.21
CA ALA A 178 17.62 6.03 5.29
C ALA A 178 17.49 6.50 3.85
N ASP A 179 18.61 6.57 3.15
CA ASP A 179 18.58 6.66 1.66
C ASP A 179 18.30 5.28 1.05
N LEU A 180 18.78 4.23 1.70
CA LEU A 180 18.63 2.86 1.18
C LEU A 180 18.42 1.92 2.36
N THR A 181 17.45 1.01 2.23
CA THR A 181 17.21 -0.02 3.20
C THR A 181 17.29 -1.33 2.47
N VAL A 182 18.10 -2.25 2.98
CA VAL A 182 18.17 -3.60 2.45
C VAL A 182 17.50 -4.54 3.44
N THR A 183 16.42 -5.18 3.00
CA THR A 183 15.69 -6.13 3.85
C THR A 183 15.79 -7.57 3.32
N PHE A 184 15.44 -8.55 4.13
CA PHE A 184 15.75 -9.94 3.83
C PHE A 184 14.49 -10.76 3.70
N GLY A 185 14.42 -11.58 2.67
CA GLY A 185 13.24 -12.42 2.45
C GLY A 185 12.09 -11.70 1.78
N VAL A 186 11.43 -10.81 2.52
CA VAL A 186 10.23 -10.12 2.02
C VAL A 186 10.19 -8.71 2.59
N PRO A 187 9.48 -7.80 1.91
CA PRO A 187 9.28 -6.50 2.53
C PRO A 187 8.52 -6.65 3.84
N LYS A 188 8.82 -5.85 4.83
CA LYS A 188 8.01 -5.88 6.06
C LYS A 188 6.92 -4.82 5.99
N ILE A 189 5.89 -5.03 6.78
CA ILE A 189 4.78 -4.07 6.82
C ILE A 189 5.25 -2.64 7.14
N GLY A 190 6.28 -2.53 7.98
CA GLY A 190 6.84 -1.24 8.33
C GLY A 190 7.57 -0.48 7.23
N HIS A 191 7.97 -1.16 6.17
CA HIS A 191 8.51 -0.51 4.98
C HIS A 191 7.39 0.00 4.07
N ILE A 192 6.19 -0.54 4.26
CA ILE A 192 5.07 -0.34 3.33
C ILE A 192 4.09 0.72 3.80
N LEU A 193 3.87 0.80 5.12
CA LEU A 193 2.98 1.76 5.70
C LEU A 193 3.79 2.98 6.16
N PHE A 194 3.18 4.14 6.20
CA PHE A 194 3.85 5.37 6.62
C PHE A 194 3.67 5.52 8.11
N PRO A 195 4.55 6.18 8.82
CA PRO A 195 5.71 6.88 8.28
C PRO A 195 6.87 6.03 7.81
N GLY A 196 6.86 4.74 8.11
CA GLY A 196 7.99 3.90 7.85
C GLY A 196 8.38 3.86 6.38
N ARG A 197 7.40 3.88 5.49
CA ARG A 197 7.71 3.83 4.09
C ARG A 197 8.56 5.03 3.70
N ASP A 198 8.27 6.18 4.27
CA ASP A 198 9.06 7.36 4.02
C ASP A 198 10.50 7.29 4.52
N LEU A 199 10.67 6.75 5.71
CA LEU A 199 11.98 6.61 6.34
C LEU A 199 12.87 5.58 5.69
N THR A 200 12.25 4.63 5.02
CA THR A 200 12.92 3.50 4.38
C THR A 200 13.75 3.95 3.19
N GLY A 201 13.33 5.02 2.52
CA GLY A 201 14.03 5.47 1.33
C GLY A 201 13.90 4.38 0.29
N LYS A 202 14.92 4.17 -0.53
CA LYS A 202 14.86 3.13 -1.55
C LYS A 202 15.00 1.74 -0.93
N LEU A 203 14.08 0.83 -1.25
CA LEU A 203 14.07 -0.48 -0.62
C LEU A 203 14.50 -1.60 -1.55
N LYS A 204 15.53 -2.36 -1.14
CA LYS A 204 15.89 -3.62 -1.80
C LYS A 204 15.56 -4.81 -0.90
N VAL A 205 14.95 -5.82 -1.50
CA VAL A 205 14.64 -7.09 -0.85
C VAL A 205 15.61 -8.17 -1.32
N ALA A 206 16.42 -8.67 -0.38
CA ALA A 206 17.42 -9.62 -0.75
C ALA A 206 16.97 -11.02 -0.41
N ASN A 207 17.30 -11.95 -1.29
CA ASN A 207 17.15 -13.37 -1.06
C ASN A 207 18.38 -13.85 -0.27
N ILE A 208 18.20 -14.31 0.96
CA ILE A 208 19.36 -14.75 1.79
C ILE A 208 19.34 -16.25 2.07
N GLY A 209 18.48 -16.95 1.34
CA GLY A 209 18.55 -18.39 1.29
C GLY A 209 17.40 -19.10 1.93
N HIS A 210 16.34 -18.38 2.35
CA HIS A 210 15.12 -19.08 2.84
C HIS A 210 14.49 -19.96 1.76
N PRO A 211 13.91 -21.08 2.12
CA PRO A 211 13.27 -21.87 1.06
C PRO A 211 12.19 -21.05 0.38
N VAL A 212 12.09 -21.16 -0.94
CA VAL A 212 11.16 -20.31 -1.69
C VAL A 212 9.70 -20.59 -1.31
N HIS A 213 9.37 -21.87 -1.09
CA HIS A 213 8.08 -22.29 -0.54
C HIS A 213 7.66 -21.50 0.68
N LEU A 214 8.57 -21.28 1.64
CA LEU A 214 8.20 -20.50 2.83
C LEU A 214 8.01 -19.01 2.58
N ILE A 215 8.85 -18.43 1.73
CA ILE A 215 8.77 -17.02 1.39
C ILE A 215 7.41 -16.75 0.78
N ASN A 216 6.93 -17.71 -0.01
CA ASN A 216 5.67 -17.61 -0.78
C ASN A 216 4.43 -17.85 0.02
N SER A 217 4.57 -18.42 1.21
CA SER A 217 3.39 -18.72 2.01
C SER A 217 2.99 -17.51 2.86
N ILE A 218 3.58 -16.36 2.58
CA ILE A 218 3.32 -15.12 3.30
C ILE A 218 1.98 -14.61 2.81
N ASN A 219 1.10 -14.25 3.73
CA ASN A 219 -0.34 -14.01 3.47
C ASN A 219 -0.71 -12.54 3.23
N ARG A 220 0.27 -11.66 3.43
CA ARG A 220 0.13 -10.26 3.13
C ARG A 220 1.18 -9.90 2.07
N TYR A 221 0.73 -9.26 0.97
CA TYR A 221 1.57 -8.96 -0.21
C TYR A 221 1.45 -7.49 -0.64
N VAL A 222 2.53 -6.96 -1.19
CA VAL A 222 2.50 -5.76 -1.97
C VAL A 222 1.93 -6.06 -3.36
N ILE A 223 1.02 -5.23 -3.87
CA ILE A 223 0.47 -5.40 -5.23
C ILE A 223 1.53 -5.01 -6.25
N THR A 224 1.88 -5.92 -7.16
CA THR A 224 2.92 -5.66 -8.11
C THR A 224 2.38 -5.66 -9.53
N ARG A 225 3.15 -5.06 -10.39
CA ARG A 225 2.88 -5.00 -11.79
C ARG A 225 2.62 -6.39 -12.37
N GLU A 226 3.34 -7.42 -11.93
CA GLU A 226 3.20 -8.75 -12.49
C GLU A 226 1.86 -9.33 -12.08
N MET A 227 1.52 -9.12 -10.83
CA MET A 227 0.25 -9.60 -10.33
C MET A 227 -0.92 -8.94 -11.08
N VAL A 228 -0.83 -7.63 -11.29
CA VAL A 228 -1.91 -6.93 -11.94
C VAL A 228 -2.01 -7.31 -13.41
N ARG A 229 -0.87 -7.51 -14.08
CA ARG A 229 -0.87 -7.99 -15.46
C ARG A 229 -1.58 -9.31 -15.62
N SER A 230 -1.38 -10.23 -14.70
CA SER A 230 -2.00 -11.53 -14.89
C SER A 230 -3.48 -11.52 -14.49
N LEU A 231 -3.94 -10.47 -13.79
CA LEU A 231 -5.36 -10.36 -13.45
C LEU A 231 -6.14 -9.59 -14.49
N LEU A 232 -5.49 -8.85 -15.37
CA LEU A 232 -6.22 -8.05 -16.36
C LEU A 232 -7.14 -8.93 -17.21
N PRO A 233 -8.42 -8.60 -17.33
CA PRO A 233 -9.21 -9.55 -18.17
C PRO A 233 -8.83 -9.57 -19.66
N GLU A 234 -9.13 -10.68 -20.28
CA GLU A 234 -8.90 -10.92 -21.70
C GLU A 234 -9.90 -10.13 -22.54
N ARG A 235 -9.44 -9.71 -23.72
CA ARG A 235 -10.23 -9.05 -24.72
C ARG A 235 -10.29 -9.93 -25.97
N PRO A 236 -11.16 -10.93 -25.97
CA PRO A 236 -11.26 -11.80 -27.15
C PRO A 236 -11.78 -10.99 -28.34
N ARG A 237 -11.22 -11.23 -29.50
CA ARG A 237 -11.53 -10.42 -30.66
C ARG A 237 -12.98 -10.50 -31.05
N ASP A 238 -13.56 -11.68 -31.00
CA ASP A 238 -14.95 -11.84 -31.35
C ASP A 238 -15.76 -11.54 -30.12
N SER A 239 -16.09 -10.27 -29.96
CA SER A 239 -16.75 -9.79 -28.77
C SER A 239 -17.68 -8.65 -29.10
N HIS A 240 -18.55 -8.33 -28.16
CA HIS A 240 -19.52 -7.27 -28.34
C HIS A 240 -19.59 -6.57 -26.97
N LYS A 241 -20.35 -5.51 -26.86
CA LYS A 241 -20.35 -4.77 -25.67
C LYS A 241 -20.77 -5.58 -24.45
N GLY A 242 -21.72 -6.46 -24.64
CA GLY A 242 -22.17 -7.31 -23.57
C GLY A 242 -21.10 -8.23 -23.02
N THR A 243 -20.12 -8.60 -23.86
CA THR A 243 -18.98 -9.35 -23.35
C THR A 243 -18.31 -8.64 -22.16
N TYR A 244 -18.27 -7.33 -22.20
CA TYR A 244 -17.51 -6.57 -21.25
C TYR A 244 -18.37 -5.95 -20.15
N GLY A 245 -19.65 -6.38 -20.06
CA GLY A 245 -20.49 -6.08 -18.91
C GLY A 245 -21.12 -4.69 -18.86
N LYS A 246 -22.00 -4.54 -17.90
CA LYS A 246 -22.84 -3.39 -17.72
C LYS A 246 -22.80 -2.92 -16.26
N VAL A 247 -22.56 -1.63 -16.05
CA VAL A 247 -22.51 -0.99 -14.75
C VAL A 247 -23.66 0.00 -14.65
N LEU A 248 -24.26 0.04 -13.46
CA LEU A 248 -25.19 1.10 -13.05
C LEU A 248 -24.49 1.88 -11.96
N ILE A 249 -24.40 3.16 -12.11
CA ILE A 249 -23.94 4.02 -11.05
C ILE A 249 -25.07 4.88 -10.51
N ILE A 250 -25.35 4.79 -9.21
CA ILE A 250 -26.37 5.58 -8.55
C ILE A 250 -25.65 6.68 -7.75
N ALA A 251 -25.79 7.94 -8.19
CA ALA A 251 -24.92 8.98 -7.70
C ALA A 251 -25.48 10.37 -7.99
N GLY A 252 -24.87 11.33 -7.32
CA GLY A 252 -25.14 12.76 -7.46
C GLY A 252 -26.36 13.23 -6.72
N SER A 253 -26.52 14.54 -6.76
CA SER A 253 -27.54 15.30 -6.07
C SER A 253 -27.41 16.72 -6.62
N ARG A 254 -28.34 17.57 -6.24
CA ARG A 254 -28.31 18.95 -6.64
C ARG A 254 -27.05 19.68 -6.16
N LEU A 255 -26.47 19.24 -5.03
CA LEU A 255 -25.21 19.83 -4.52
C LEU A 255 -24.00 19.29 -5.21
N TYR A 256 -24.01 18.01 -5.58
CA TYR A 256 -22.80 17.35 -6.09
C TYR A 256 -23.04 16.76 -7.45
N SER A 257 -22.99 17.59 -8.50
CA SER A 257 -23.38 17.14 -9.82
C SER A 257 -22.27 16.49 -10.60
N GLY A 258 -21.01 16.71 -10.20
CA GLY A 258 -19.85 16.13 -10.89
C GLY A 258 -19.49 14.70 -10.56
N ALA A 259 -19.72 14.23 -9.34
CA ALA A 259 -19.30 12.90 -8.97
C ALA A 259 -19.71 11.76 -9.98
N PRO A 260 -20.97 11.74 -10.46
CA PRO A 260 -21.47 10.68 -11.37
C PRO A 260 -20.62 10.52 -12.64
N VAL A 261 -20.16 11.64 -13.14
CA VAL A 261 -19.44 11.70 -14.42
C VAL A 261 -18.09 11.06 -14.23
N LEU A 262 -17.44 11.35 -13.12
CA LEU A 262 -16.12 10.83 -12.89
C LEU A 262 -16.19 9.35 -12.62
N SER A 263 -17.16 8.88 -11.84
CA SER A 263 -17.34 7.45 -11.63
C SER A 263 -17.68 6.71 -12.94
N GLY A 264 -18.60 7.27 -13.71
CA GLY A 264 -19.01 6.63 -14.95
C GLY A 264 -17.89 6.47 -15.95
N MET A 265 -17.12 7.54 -16.17
CA MET A 265 -15.98 7.43 -17.06
C MET A 265 -14.88 6.55 -16.50
N GLY A 266 -14.77 6.46 -15.20
CA GLY A 266 -13.86 5.47 -14.61
C GLY A 266 -14.18 4.07 -15.10
N SER A 267 -15.47 3.71 -15.11
CA SER A 267 -15.87 2.38 -15.63
C SER A 267 -15.53 2.20 -17.09
N LEU A 268 -15.85 3.20 -17.91
CA LEU A 268 -15.63 3.08 -19.34
C LEU A 268 -14.18 3.00 -19.72
N LYS A 269 -13.36 3.86 -19.11
CA LYS A 269 -11.93 3.87 -19.39
C LYS A 269 -11.20 2.54 -19.03
N VAL A 270 -11.76 1.71 -18.14
CA VAL A 270 -11.12 0.42 -17.89
C VAL A 270 -11.69 -0.69 -18.80
N GLY A 271 -12.60 -0.35 -19.70
CA GLY A 271 -13.04 -1.31 -20.69
C GLY A 271 -14.43 -1.90 -20.55
N THR A 272 -15.26 -1.33 -19.69
CA THR A 272 -16.63 -1.82 -19.49
C THR A 272 -17.47 -1.53 -20.73
N GLY A 273 -18.39 -2.42 -21.06
CA GLY A 273 -19.13 -2.26 -22.27
C GLY A 273 -20.17 -1.15 -22.25
N LEU A 274 -20.86 -1.03 -21.13
CA LEU A 274 -21.97 -0.11 -21.01
C LEU A 274 -22.01 0.43 -19.58
N VAL A 275 -22.15 1.74 -19.49
CA VAL A 275 -22.34 2.42 -18.21
C VAL A 275 -23.54 3.31 -18.21
N LYS A 276 -24.36 3.13 -17.19
CA LYS A 276 -25.60 3.87 -16.98
C LYS A 276 -25.49 4.61 -15.68
N LEU A 277 -25.81 5.89 -15.65
CA LEU A 277 -25.88 6.63 -14.41
C LEU A 277 -27.33 6.90 -14.08
N ALA A 278 -27.67 6.87 -12.80
CA ALA A 278 -28.99 7.30 -12.34
C ALA A 278 -28.71 8.51 -11.46
N VAL A 279 -29.19 9.69 -11.87
CA VAL A 279 -28.79 10.98 -11.30
C VAL A 279 -30.03 11.88 -11.30
N PRO A 280 -30.27 12.64 -10.21
CA PRO A 280 -31.43 13.53 -10.16
C PRO A 280 -31.43 14.52 -11.30
N PHE A 281 -32.60 14.67 -11.88
CA PHE A 281 -32.84 15.64 -12.93
C PHE A 281 -32.75 16.96 -12.28
N PRO A 282 -32.12 17.94 -12.94
CA PRO A 282 -31.47 17.93 -14.26
C PRO A 282 -29.97 17.75 -14.22
N GLN A 283 -29.44 17.36 -13.05
CA GLN A 283 -28.00 17.21 -12.91
C GLN A 283 -27.54 16.06 -13.74
N ASN A 284 -28.44 15.16 -14.11
CA ASN A 284 -28.04 14.08 -14.99
C ASN A 284 -27.54 14.55 -16.36
N LEU A 285 -27.99 15.71 -16.83
CA LEU A 285 -27.57 16.20 -18.14
C LEU A 285 -26.12 16.69 -18.21
N ILE A 286 -25.57 17.01 -17.03
CA ILE A 286 -24.18 17.36 -16.88
C ILE A 286 -23.27 16.27 -17.48
N ALA A 287 -23.60 15.00 -17.22
CA ALA A 287 -22.71 13.90 -17.61
C ALA A 287 -22.56 13.76 -19.11
N THR A 288 -23.68 13.85 -19.81
CA THR A 288 -23.67 13.62 -21.23
C THR A 288 -23.21 14.83 -21.99
N SER A 289 -23.27 16.00 -21.37
CA SER A 289 -22.72 17.16 -22.01
C SER A 289 -21.19 17.07 -22.01
N ARG A 290 -20.62 16.42 -21.03
CA ARG A 290 -19.18 16.24 -20.99
C ARG A 290 -18.74 14.95 -21.77
N PHE A 291 -19.40 13.84 -21.49
CA PHE A 291 -19.13 12.57 -22.09
C PHE A 291 -20.38 11.91 -22.64
N PRO A 292 -20.67 12.15 -23.92
CA PRO A 292 -21.94 11.70 -24.47
C PRO A 292 -22.06 10.18 -24.67
N GLU A 293 -20.95 9.44 -24.45
CA GLU A 293 -20.88 7.98 -24.41
C GLU A 293 -21.62 7.41 -23.22
N LEU A 294 -21.74 8.18 -22.15
CA LEU A 294 -22.45 7.75 -20.97
C LEU A 294 -23.96 7.79 -21.20
N ILE A 295 -24.69 6.92 -20.52
CA ILE A 295 -26.14 6.98 -20.46
C ILE A 295 -26.42 7.57 -19.11
N SER A 296 -27.15 8.67 -19.06
CA SER A 296 -27.40 9.34 -17.78
C SER A 296 -28.90 9.54 -17.61
N VAL A 297 -29.50 8.66 -16.81
CA VAL A 297 -30.93 8.56 -16.66
C VAL A 297 -31.40 9.62 -15.68
N PRO A 298 -32.45 10.40 -16.05
CA PRO A 298 -32.96 11.37 -15.06
C PRO A 298 -33.88 10.70 -14.00
N ILE A 299 -33.59 10.98 -12.74
CA ILE A 299 -34.42 10.54 -11.65
C ILE A 299 -35.16 11.78 -11.13
N ASP A 300 -36.48 11.68 -11.09
CA ASP A 300 -37.27 12.79 -10.61
C ASP A 300 -37.34 12.69 -9.07
N THR A 301 -36.84 13.69 -8.40
CA THR A 301 -36.73 13.65 -6.96
C THR A 301 -37.49 14.82 -6.41
N GLU A 302 -37.82 14.79 -5.12
CA GLU A 302 -38.61 15.90 -4.54
C GLU A 302 -37.79 17.19 -4.34
N LYS A 303 -36.54 17.05 -3.86
CA LYS A 303 -35.67 18.18 -3.45
C LYS A 303 -34.22 18.07 -3.96
N GLY A 304 -33.97 17.24 -4.94
CA GLY A 304 -32.62 17.15 -5.51
C GLY A 304 -31.79 16.03 -4.92
N PHE A 305 -32.41 15.22 -4.06
CA PHE A 305 -31.76 14.02 -3.50
C PHE A 305 -32.56 12.75 -3.66
N PHE A 306 -31.85 11.64 -3.85
CA PHE A 306 -32.49 10.35 -3.83
C PHE A 306 -33.22 10.14 -2.51
N SER A 307 -34.34 9.44 -2.58
CA SER A 307 -35.15 9.12 -1.40
C SER A 307 -35.90 7.82 -1.67
N LEU A 308 -36.72 7.37 -0.73
CA LEU A 308 -37.43 6.10 -0.94
C LEU A 308 -38.35 6.13 -2.16
N GLN A 309 -38.81 7.30 -2.53
CA GLN A 309 -39.64 7.44 -3.71
C GLN A 309 -38.93 6.94 -5.01
N ASN A 310 -37.60 6.79 -4.96
CA ASN A 310 -36.87 6.39 -6.11
C ASN A 310 -36.43 4.94 -6.04
N LEU A 311 -36.84 4.26 -5.00
CA LEU A 311 -36.35 2.91 -4.75
C LEU A 311 -36.70 1.97 -5.88
N GLN A 312 -37.96 2.02 -6.34
CA GLN A 312 -38.38 1.07 -7.32
C GLN A 312 -37.77 1.37 -8.67
N GLU A 313 -37.70 2.63 -9.06
CA GLU A 313 -37.02 2.93 -10.32
C GLU A 313 -35.59 2.38 -10.32
N CYS A 314 -34.86 2.52 -9.21
CA CYS A 314 -33.45 2.10 -9.20
C CYS A 314 -33.28 0.58 -9.17
N LEU A 315 -34.16 -0.15 -8.49
CA LEU A 315 -34.17 -1.60 -8.57
C LEU A 315 -34.51 -2.07 -10.00
N GLU A 316 -35.43 -1.39 -10.68
CA GLU A 316 -35.71 -1.77 -12.08
C GLU A 316 -34.48 -1.55 -12.98
N LEU A 317 -33.81 -0.42 -12.85
CA LEU A 317 -32.61 -0.13 -13.60
C LEU A 317 -31.50 -1.18 -13.32
N SER A 318 -31.44 -1.70 -12.09
CA SER A 318 -30.51 -2.77 -11.68
C SER A 318 -30.68 -4.15 -12.32
N LYS A 319 -31.87 -4.49 -12.76
CA LYS A 319 -32.12 -5.82 -13.37
C LYS A 319 -31.21 -6.12 -14.56
N ASP A 320 -30.88 -5.09 -15.34
CA ASP A 320 -30.21 -5.22 -16.61
C ASP A 320 -28.69 -5.07 -16.50
N VAL A 321 -28.15 -4.90 -15.29
CA VAL A 321 -26.75 -4.63 -15.13
C VAL A 321 -26.09 -5.75 -14.37
N ASP A 322 -24.76 -5.74 -14.43
CA ASP A 322 -23.93 -6.73 -13.74
C ASP A 322 -23.47 -6.28 -12.36
N VAL A 323 -23.32 -4.97 -12.16
CA VAL A 323 -22.82 -4.46 -10.88
C VAL A 323 -23.43 -3.10 -10.70
N VAL A 324 -23.63 -2.71 -9.45
CA VAL A 324 -24.08 -1.35 -9.12
C VAL A 324 -23.10 -0.66 -8.19
N ALA A 325 -22.66 0.54 -8.56
CA ALA A 325 -21.88 1.44 -7.68
C ALA A 325 -22.83 2.49 -7.14
N ILE A 326 -22.71 2.78 -5.86
CA ILE A 326 -23.61 3.74 -5.21
C ILE A 326 -22.82 4.59 -4.23
N GLY A 327 -23.09 5.89 -4.18
CA GLY A 327 -22.56 6.75 -3.14
C GLY A 327 -21.99 8.11 -3.46
N PRO A 328 -21.16 8.20 -4.50
CA PRO A 328 -20.54 9.49 -4.84
C PRO A 328 -21.58 10.57 -5.07
N GLY A 329 -21.42 11.65 -4.31
CA GLY A 329 -22.27 12.83 -4.43
C GLY A 329 -23.72 12.68 -4.02
N LEU A 330 -24.08 11.64 -3.28
CA LEU A 330 -25.51 11.44 -2.93
C LEU A 330 -25.97 12.43 -1.87
N GLY A 331 -25.08 13.00 -1.08
CA GLY A 331 -25.53 13.75 0.08
C GLY A 331 -25.81 12.80 1.24
N ASN A 332 -25.75 13.33 2.43
CA ASN A 332 -26.05 12.60 3.62
C ASN A 332 -27.14 13.36 4.36
N ASN A 333 -28.35 12.85 4.28
CA ASN A 333 -29.51 13.30 5.05
C ASN A 333 -30.36 12.04 5.24
N GLU A 334 -31.40 12.11 6.05
CA GLU A 334 -32.12 10.91 6.43
C GLU A 334 -32.82 10.20 5.26
N HIS A 335 -33.35 10.95 4.30
CA HIS A 335 -34.01 10.33 3.17
C HIS A 335 -33.03 9.55 2.29
N VAL A 336 -31.81 10.07 2.10
CA VAL A 336 -30.75 9.32 1.43
C VAL A 336 -30.39 8.03 2.24
N ARG A 337 -30.32 8.14 3.57
CA ARG A 337 -30.02 6.98 4.40
C ARG A 337 -31.08 5.85 4.23
N GLU A 338 -32.37 6.22 4.26
CA GLU A 338 -33.47 5.26 4.11
C GLU A 338 -33.31 4.58 2.75
N PHE A 339 -33.16 5.39 1.71
CA PHE A 339 -32.99 4.85 0.37
C PHE A 339 -31.75 3.94 0.21
N VAL A 340 -30.58 4.39 0.60
CA VAL A 340 -29.39 3.56 0.45
C VAL A 340 -29.53 2.18 1.13
N ASN A 341 -30.04 2.16 2.36
CA ASN A 341 -30.09 0.91 3.12
C ASN A 341 -31.19 -0.02 2.61
N GLU A 342 -32.33 0.53 2.22
CA GLU A 342 -33.38 -0.30 1.66
C GLU A 342 -32.97 -0.84 0.28
N PHE A 343 -32.28 -0.01 -0.49
CA PHE A 343 -31.74 -0.42 -1.78
C PHE A 343 -30.76 -1.58 -1.63
N LEU A 344 -29.70 -1.38 -0.86
CA LEU A 344 -28.70 -2.44 -0.69
C LEU A 344 -29.29 -3.74 -0.08
N LYS A 345 -30.31 -3.58 0.76
CA LYS A 345 -31.02 -4.70 1.32
C LYS A 345 -31.75 -5.55 0.24
N THR A 346 -32.21 -4.94 -0.84
CA THR A 346 -32.98 -5.66 -1.85
C THR A 346 -32.17 -5.94 -3.11
N LEU A 347 -31.13 -5.17 -3.36
CA LEU A 347 -30.31 -5.43 -4.55
C LEU A 347 -29.56 -6.77 -4.46
N GLU A 348 -29.92 -7.68 -5.35
CA GLU A 348 -29.23 -8.98 -5.44
C GLU A 348 -28.25 -8.97 -6.59
N LYS A 349 -27.34 -7.98 -6.56
CA LYS A 349 -26.23 -7.75 -7.49
C LYS A 349 -25.02 -7.37 -6.66
N PRO A 350 -23.82 -7.64 -7.17
CA PRO A 350 -22.64 -7.04 -6.52
C PRO A 350 -22.76 -5.51 -6.43
N ALA A 351 -22.32 -4.95 -5.31
CA ALA A 351 -22.41 -3.51 -5.02
C ALA A 351 -21.03 -2.98 -4.69
N VAL A 352 -20.72 -1.78 -5.21
CA VAL A 352 -19.57 -1.04 -4.82
C VAL A 352 -20.08 0.20 -4.08
N ILE A 353 -19.65 0.35 -2.83
CA ILE A 353 -20.28 1.27 -1.89
C ILE A 353 -19.20 2.25 -1.49
N ASP A 354 -19.42 3.54 -1.84
CA ASP A 354 -18.44 4.62 -1.67
C ASP A 354 -19.05 5.84 -0.97
N ALA A 355 -18.19 6.65 -0.38
CA ALA A 355 -18.51 8.07 -0.07
C ALA A 355 -19.76 8.14 0.78
N ASP A 356 -20.74 8.93 0.35
CA ASP A 356 -21.95 9.13 1.14
C ASP A 356 -22.81 7.89 1.37
N ALA A 357 -22.74 6.89 0.49
CA ALA A 357 -23.40 5.64 0.78
C ALA A 357 -22.71 4.96 1.98
N ILE A 358 -21.39 5.14 2.16
CA ILE A 358 -20.74 4.62 3.37
C ILE A 358 -21.22 5.40 4.62
N ASN A 359 -21.25 6.73 4.52
CA ASN A 359 -21.65 7.56 5.66
C ASN A 359 -23.03 7.30 6.20
N VAL A 360 -23.94 6.74 5.40
CA VAL A 360 -25.30 6.44 5.90
C VAL A 360 -25.54 4.94 6.05
N LEU A 361 -24.55 4.12 5.72
CA LEU A 361 -24.70 2.70 5.71
C LEU A 361 -24.96 2.15 7.10
N ASP A 362 -25.88 1.21 7.16
CA ASP A 362 -26.08 0.37 8.32
C ASP A 362 -25.41 -0.97 8.05
N THR A 363 -24.43 -1.31 8.87
CA THR A 363 -23.59 -2.50 8.60
C THR A 363 -24.35 -3.83 8.72
N SER A 364 -25.44 -3.86 9.49
CA SER A 364 -26.38 -5.01 9.49
C SER A 364 -26.81 -5.39 8.08
N VAL A 365 -27.00 -4.39 7.25
CA VAL A 365 -27.40 -4.59 5.89
C VAL A 365 -26.40 -5.43 5.09
N LEU A 366 -25.12 -5.19 5.31
CA LEU A 366 -24.04 -5.96 4.64
C LEU A 366 -23.99 -7.41 5.01
N LYS A 367 -24.20 -7.68 6.30
CA LYS A 367 -24.28 -9.03 6.81
C LYS A 367 -25.44 -9.77 6.18
N GLU A 368 -26.58 -9.11 5.99
CA GLU A 368 -27.77 -9.85 5.56
C GLU A 368 -27.83 -10.06 4.03
N ARG A 369 -26.90 -9.44 3.30
CA ARG A 369 -26.89 -9.51 1.84
C ARG A 369 -26.28 -10.81 1.35
N LYS A 370 -26.95 -11.44 0.37
CA LYS A 370 -26.42 -12.64 -0.26
C LYS A 370 -25.30 -12.23 -1.23
N SER A 371 -25.56 -11.22 -2.05
CA SER A 371 -24.61 -10.73 -2.98
C SER A 371 -23.38 -10.03 -2.34
N PRO A 372 -22.27 -9.98 -3.08
CA PRO A 372 -21.00 -9.38 -2.64
C PRO A 372 -21.00 -7.86 -2.63
N ALA A 373 -20.06 -7.26 -1.91
CA ALA A 373 -19.89 -5.84 -1.82
C ALA A 373 -18.44 -5.52 -1.70
N VAL A 374 -18.06 -4.38 -2.29
CA VAL A 374 -16.78 -3.71 -2.02
C VAL A 374 -17.05 -2.37 -1.39
N LEU A 375 -16.44 -2.09 -0.24
CA LEU A 375 -16.54 -0.79 0.43
C LEU A 375 -15.24 -0.07 0.23
N THR A 376 -15.30 1.20 -0.16
CA THR A 376 -14.12 2.00 -0.46
C THR A 376 -14.01 3.28 0.37
N PRO A 377 -13.86 3.14 1.68
CA PRO A 377 -13.69 4.30 2.52
C PRO A 377 -12.29 4.89 2.58
N HIS A 378 -12.20 6.22 2.76
CA HIS A 378 -10.98 6.84 3.32
C HIS A 378 -11.08 6.74 4.87
N PRO A 379 -9.98 7.00 5.61
CA PRO A 379 -9.95 6.77 7.05
C PRO A 379 -11.03 7.54 7.81
N GLY A 380 -11.38 8.72 7.33
CA GLY A 380 -12.42 9.53 7.97
C GLY A 380 -13.75 8.78 7.87
N GLU A 381 -14.09 8.30 6.68
CA GLU A 381 -15.28 7.46 6.48
C GLU A 381 -15.23 6.11 7.26
N MET A 382 -14.08 5.44 7.27
CA MET A 382 -13.95 4.21 8.03
C MET A 382 -14.10 4.46 9.54
N ALA A 383 -13.49 5.52 10.04
CA ALA A 383 -13.69 5.96 11.44
C ALA A 383 -15.15 6.10 11.82
N ARG A 384 -15.90 6.89 11.03
CA ARG A 384 -17.37 7.06 11.29
C ARG A 384 -18.07 5.72 11.21
N LEU A 385 -17.70 4.86 10.27
CA LEU A 385 -18.41 3.62 10.06
C LEU A 385 -18.26 2.67 11.26
N VAL A 386 -17.05 2.52 11.81
CA VAL A 386 -16.87 1.63 12.99
C VAL A 386 -16.87 2.41 14.30
N LYS A 387 -17.06 3.73 14.23
CA LYS A 387 -17.18 4.56 15.50
C LYS A 387 -15.89 4.65 16.32
N LYS A 388 -14.79 4.86 15.61
CA LYS A 388 -13.48 5.09 16.23
C LYS A 388 -12.87 6.41 15.72
N THR A 389 -11.69 6.75 16.22
CA THR A 389 -11.00 7.92 15.71
C THR A 389 -10.26 7.54 14.44
N VAL A 390 -10.00 8.56 13.60
CA VAL A 390 -9.16 8.43 12.43
C VAL A 390 -7.82 7.80 12.79
N GLY A 391 -7.21 8.25 13.89
CA GLY A 391 -5.89 7.75 14.33
C GLY A 391 -5.88 6.26 14.70
N ASP A 392 -7.00 5.75 15.17
CA ASP A 392 -7.10 4.35 15.49
C ASP A 392 -7.38 3.46 14.26
N VAL A 393 -7.89 4.01 13.16
CA VAL A 393 -8.20 3.20 11.98
C VAL A 393 -7.16 3.35 10.87
N LYS A 394 -6.45 4.47 10.84
CA LYS A 394 -5.52 4.73 9.76
C LYS A 394 -4.44 3.65 9.74
N TYR A 395 -4.24 3.08 8.58
CA TYR A 395 -3.22 2.01 8.39
C TYR A 395 -3.42 0.85 9.34
N ASN A 396 -4.64 0.68 9.87
CA ASN A 396 -4.89 -0.42 10.82
C ASN A 396 -5.38 -1.61 10.00
N TYR A 397 -4.44 -2.36 9.44
CA TYR A 397 -4.82 -3.46 8.58
C TYR A 397 -5.51 -4.61 9.33
N GLU A 398 -5.22 -4.82 10.62
CA GLU A 398 -5.91 -5.87 11.35
C GLU A 398 -7.39 -5.54 11.56
N LEU A 399 -7.69 -4.27 11.85
CA LEU A 399 -9.06 -3.84 11.97
C LEU A 399 -9.74 -4.00 10.63
N ALA A 400 -9.07 -3.63 9.55
CA ALA A 400 -9.65 -3.79 8.22
C ALA A 400 -10.02 -5.25 7.94
N GLU A 401 -9.08 -6.16 8.25
CA GLU A 401 -9.30 -7.59 8.07
C GLU A 401 -10.48 -8.07 8.86
N GLU A 402 -10.55 -7.68 10.14
CA GLU A 402 -11.69 -8.07 10.99
C GLU A 402 -13.02 -7.58 10.39
N PHE A 403 -13.04 -6.33 9.95
CA PHE A 403 -14.25 -5.78 9.43
C PHE A 403 -14.69 -6.53 8.15
N ALA A 404 -13.75 -6.80 7.25
CA ALA A 404 -14.05 -7.51 6.00
C ALA A 404 -14.66 -8.87 6.28
N LYS A 405 -14.05 -9.56 7.24
CA LYS A 405 -14.41 -10.92 7.59
C LYS A 405 -15.81 -10.98 8.25
N GLU A 406 -16.08 -10.11 9.21
CA GLU A 406 -17.39 -9.99 9.89
C GLU A 406 -18.54 -9.61 8.97
N ASN A 407 -18.25 -8.78 8.00
CA ASN A 407 -19.32 -8.25 7.16
C ASN A 407 -19.34 -8.90 5.80
N ASP A 408 -18.47 -9.88 5.55
CA ASP A 408 -18.41 -10.59 4.27
C ASP A 408 -18.18 -9.71 3.04
N CYS A 409 -17.32 -8.72 3.14
CA CYS A 409 -17.08 -7.82 2.02
C CYS A 409 -15.60 -7.70 1.71
N VAL A 410 -15.28 -6.92 0.67
CA VAL A 410 -13.92 -6.52 0.44
C VAL A 410 -13.88 -5.11 0.94
N LEU A 411 -12.83 -4.80 1.69
CA LEU A 411 -12.62 -3.47 2.18
C LEU A 411 -11.40 -2.89 1.52
N VAL A 412 -11.58 -1.72 0.90
CA VAL A 412 -10.49 -0.98 0.26
C VAL A 412 -10.35 0.28 1.10
N LEU A 413 -9.33 0.32 1.94
CA LEU A 413 -9.11 1.43 2.88
C LEU A 413 -8.06 2.34 2.28
N LYS A 414 -8.51 3.47 1.74
CA LYS A 414 -7.69 4.37 0.90
C LYS A 414 -6.70 5.26 1.71
N SER A 415 -5.46 5.40 1.24
CA SER A 415 -4.49 6.33 1.78
C SER A 415 -3.28 6.21 0.89
N ALA A 416 -2.20 6.89 1.24
CA ALA A 416 -1.00 6.91 0.39
C ALA A 416 -0.57 5.47 0.15
N THR A 417 -0.74 4.61 1.16
CA THR A 417 -0.73 3.16 0.93
C THR A 417 -2.13 2.71 1.18
N THR A 418 -2.69 2.02 0.20
CA THR A 418 -4.04 1.53 0.30
C THR A 418 -3.99 0.07 0.66
N ILE A 419 -4.88 -0.31 1.57
CA ILE A 419 -5.06 -1.68 2.01
C ILE A 419 -6.34 -2.26 1.39
N VAL A 420 -6.24 -3.45 0.84
CA VAL A 420 -7.36 -4.12 0.20
C VAL A 420 -7.41 -5.47 0.86
N THR A 421 -8.52 -5.81 1.49
CA THR A 421 -8.61 -7.10 2.15
C THR A 421 -9.99 -7.68 2.02
N ASP A 422 -10.08 -9.00 1.97
CA ASP A 422 -11.35 -9.69 2.19
C ASP A 422 -11.42 -10.46 3.53
N GLY A 423 -10.44 -10.28 4.41
CA GLY A 423 -10.44 -10.98 5.69
C GLY A 423 -9.44 -12.13 5.76
N GLU A 424 -9.08 -12.69 4.62
CA GLU A 424 -8.15 -13.83 4.57
C GLU A 424 -6.87 -13.39 3.90
N LYS A 425 -7.03 -12.69 2.77
CA LYS A 425 -5.95 -12.19 1.95
C LYS A 425 -5.95 -10.64 2.15
N THR A 426 -4.78 -10.07 2.41
CA THR A 426 -4.59 -8.64 2.54
C THR A 426 -3.50 -8.19 1.60
N LEU A 427 -3.81 -7.19 0.79
CA LEU A 427 -2.85 -6.62 -0.16
C LEU A 427 -2.59 -5.15 0.09
N PHE A 428 -1.35 -4.71 -0.20
CA PHE A 428 -0.98 -3.30 -0.06
C PHE A 428 -0.62 -2.68 -1.38
N ASN A 429 -1.13 -1.48 -1.64
CA ASN A 429 -0.82 -0.76 -2.87
C ASN A 429 0.05 0.43 -2.57
N ILE A 430 1.17 0.56 -3.29
CA ILE A 430 2.07 1.69 -3.11
C ILE A 430 2.26 2.62 -4.37
N THR A 431 1.45 2.46 -5.41
CA THR A 431 1.48 3.37 -6.54
C THR A 431 0.68 4.61 -6.19
N GLY A 432 0.92 5.68 -6.94
CA GLY A 432 0.21 6.95 -6.69
C GLY A 432 1.13 8.02 -6.21
N ASN A 433 0.55 9.20 -5.99
CA ASN A 433 1.28 10.36 -5.53
C ASN A 433 0.26 11.35 -4.98
N THR A 434 0.72 12.51 -4.53
CA THR A 434 -0.15 13.46 -3.84
C THR A 434 -1.18 14.14 -4.79
N GLY A 435 -1.07 13.93 -6.11
CA GLY A 435 -2.08 14.45 -7.02
C GLY A 435 -3.46 13.84 -6.80
N LEU A 436 -3.48 12.64 -6.21
CA LEU A 436 -4.71 11.95 -5.88
C LEU A 436 -5.38 12.46 -4.58
N SER A 437 -4.69 13.32 -3.81
CA SER A 437 -5.25 13.92 -2.62
C SER A 437 -6.01 15.16 -3.00
N LYS A 438 -7.09 14.93 -3.73
CA LYS A 438 -7.86 16.00 -4.33
C LYS A 438 -9.24 15.42 -4.66
N GLY A 439 -10.29 16.19 -4.40
CA GLY A 439 -11.66 15.72 -4.66
C GLY A 439 -11.84 15.23 -6.08
N GLY A 440 -12.56 14.14 -6.23
CA GLY A 440 -12.90 13.60 -7.55
C GLY A 440 -12.13 12.31 -7.76
N SER A 441 -11.03 12.17 -7.06
CA SER A 441 -10.14 11.08 -7.39
C SER A 441 -10.69 9.74 -6.91
N GLY A 442 -11.33 9.72 -5.75
CA GLY A 442 -12.05 8.55 -5.24
C GLY A 442 -13.21 8.12 -6.13
N ASP A 443 -13.89 9.07 -6.74
CA ASP A 443 -15.01 8.75 -7.59
C ASP A 443 -14.55 7.94 -8.85
N VAL A 444 -13.38 8.29 -9.39
CA VAL A 444 -12.82 7.56 -10.48
C VAL A 444 -12.57 6.13 -10.08
N LEU A 445 -11.97 5.93 -8.90
CA LEU A 445 -11.64 4.59 -8.43
C LEU A 445 -12.89 3.72 -8.31
N THR A 446 -13.95 4.28 -7.77
CA THR A 446 -15.20 3.52 -7.57
C THR A 446 -15.72 2.95 -8.90
N GLY A 447 -15.70 3.80 -9.93
CA GLY A 447 -16.02 3.35 -11.30
C GLY A 447 -15.10 2.26 -11.85
N MET A 448 -13.80 2.43 -11.64
CA MET A 448 -12.84 1.42 -12.07
C MET A 448 -13.16 0.06 -11.46
N ILE A 449 -13.45 0.05 -10.17
CA ILE A 449 -13.73 -1.19 -9.50
C ILE A 449 -15.00 -1.85 -10.08
N ALA A 450 -16.06 -1.08 -10.20
CA ALA A 450 -17.35 -1.58 -10.68
C ALA A 450 -17.12 -2.12 -12.07
N GLY A 451 -16.25 -1.43 -12.83
CA GLY A 451 -15.96 -1.79 -14.18
C GLY A 451 -15.29 -3.14 -14.31
N PHE A 452 -14.32 -3.40 -13.46
CA PHE A 452 -13.64 -4.63 -13.55
C PHE A 452 -14.51 -5.76 -13.03
N ILE A 453 -15.39 -5.48 -12.08
CA ILE A 453 -16.31 -6.51 -11.64
C ILE A 453 -17.24 -6.85 -12.81
N ALA A 454 -17.75 -5.84 -13.49
CA ALA A 454 -18.59 -6.09 -14.63
C ALA A 454 -17.88 -6.97 -15.67
N GLN A 455 -16.56 -6.86 -15.77
CA GLN A 455 -15.83 -7.63 -16.78
C GLN A 455 -15.55 -9.05 -16.33
N GLY A 456 -15.93 -9.46 -15.13
CA GLY A 456 -15.67 -10.84 -14.73
C GLY A 456 -14.69 -11.01 -13.59
N LEU A 457 -14.03 -9.92 -13.15
CA LEU A 457 -13.11 -10.09 -12.04
C LEU A 457 -13.93 -10.21 -10.75
N SER A 458 -13.44 -11.03 -9.84
CA SER A 458 -14.01 -11.08 -8.54
C SER A 458 -13.79 -9.71 -7.90
N PRO A 459 -14.57 -9.39 -6.87
CA PRO A 459 -14.45 -8.14 -6.09
C PRO A 459 -13.04 -7.85 -5.53
N LEU A 460 -12.38 -8.87 -4.99
CA LEU A 460 -11.03 -8.69 -4.48
C LEU A 460 -10.07 -8.43 -5.66
N GLU A 461 -10.21 -9.19 -6.74
CA GLU A 461 -9.34 -8.99 -7.93
C GLU A 461 -9.57 -7.61 -8.58
N ALA A 462 -10.82 -7.22 -8.69
CA ALA A 462 -11.23 -5.94 -9.24
C ALA A 462 -10.64 -4.80 -8.43
N SER A 463 -10.69 -4.95 -7.10
CA SER A 463 -10.16 -3.91 -6.24
C SER A 463 -8.63 -3.80 -6.33
N THR A 464 -7.96 -4.93 -6.44
CA THR A 464 -6.49 -4.99 -6.53
C THR A 464 -5.99 -4.30 -7.79
N VAL A 465 -6.61 -4.68 -8.90
CA VAL A 465 -6.19 -4.14 -10.19
C VAL A 465 -6.47 -2.63 -10.22
N SER A 466 -7.59 -2.22 -9.65
CA SER A 466 -8.01 -0.83 -9.75
C SER A 466 -7.12 0.08 -8.93
N VAL A 467 -6.81 -0.29 -7.69
CA VAL A 467 -6.05 0.61 -6.83
C VAL A 467 -4.67 0.79 -7.47
N TYR A 468 -4.15 -0.28 -8.04
CA TYR A 468 -2.85 -0.20 -8.67
C TYR A 468 -2.84 0.76 -9.85
N LEU A 469 -3.76 0.55 -10.80
CA LEU A 469 -3.81 1.28 -12.05
C LEU A 469 -4.19 2.72 -11.80
N HIS A 470 -5.02 2.95 -10.80
CA HIS A 470 -5.45 4.32 -10.43
C HIS A 470 -4.22 5.11 -9.96
N GLY A 471 -3.39 4.49 -9.13
CA GLY A 471 -2.12 5.11 -8.68
C GLY A 471 -1.11 5.27 -9.80
N PHE A 472 -1.00 4.29 -10.67
CA PHE A 472 -0.03 4.33 -11.75
C PHE A 472 -0.39 5.40 -12.81
N ALA A 473 -1.67 5.52 -13.13
CA ALA A 473 -2.16 6.60 -13.95
C ALA A 473 -1.69 7.96 -13.42
N ALA A 474 -1.82 8.19 -12.12
CA ALA A 474 -1.39 9.44 -11.49
C ALA A 474 0.10 9.68 -11.70
N GLU A 475 0.90 8.62 -11.68
CA GLU A 475 2.33 8.78 -11.83
C GLU A 475 2.68 9.11 -13.26
N LEU A 476 1.77 8.91 -14.20
CA LEU A 476 2.10 9.16 -15.58
C LEU A 476 1.78 10.58 -15.97
N PHE A 477 1.18 11.39 -15.09
CA PHE A 477 0.95 12.80 -15.37
C PHE A 477 2.30 13.47 -15.70
N GLU A 478 2.33 14.22 -16.80
CA GLU A 478 3.53 14.82 -17.35
C GLU A 478 4.03 16.07 -16.58
N GLN A 479 3.14 16.76 -15.90
CA GLN A 479 3.53 17.99 -15.28
C GLN A 479 3.59 17.79 -13.73
N ASP A 480 3.72 18.84 -12.92
CA ASP A 480 3.78 18.63 -11.48
C ASP A 480 2.52 17.99 -10.93
N GLU A 481 2.73 17.04 -10.03
CA GLU A 481 1.64 16.18 -9.58
C GLU A 481 0.59 16.98 -8.87
N ARG A 482 0.97 18.10 -8.26
CA ARG A 482 -0.04 18.79 -7.52
C ARG A 482 -1.15 19.40 -8.42
N GLY A 483 -0.90 19.49 -9.72
CA GLY A 483 -1.84 20.06 -10.64
C GLY A 483 -2.73 19.04 -11.27
N LEU A 484 -2.64 17.79 -10.82
CA LEU A 484 -3.41 16.69 -11.39
C LEU A 484 -4.82 16.80 -10.94
N THR A 485 -5.73 16.63 -11.87
CA THR A 485 -7.14 16.59 -11.54
C THR A 485 -7.73 15.27 -12.04
N ALA A 486 -8.92 14.93 -11.54
CA ALA A 486 -9.57 13.69 -11.84
C ALA A 486 -9.82 13.47 -13.34
N SER A 487 -10.13 14.54 -14.08
CA SER A 487 -10.26 14.50 -15.54
C SER A 487 -8.97 14.14 -16.27
N GLU A 488 -7.84 14.65 -15.80
CA GLU A 488 -6.59 14.29 -16.39
C GLU A 488 -6.32 12.84 -16.04
N LEU A 489 -6.75 12.44 -14.86
CA LEU A 489 -6.50 11.10 -14.43
C LEU A 489 -7.24 10.11 -15.33
N LEU A 490 -8.49 10.42 -15.66
CA LEU A 490 -9.27 9.58 -16.55
C LEU A 490 -8.55 9.35 -17.87
N ARG A 491 -7.98 10.42 -18.42
CA ARG A 491 -7.23 10.39 -19.68
C ARG A 491 -6.01 9.50 -19.62
N LEU A 492 -5.38 9.38 -18.45
CA LEU A 492 -4.18 8.60 -18.27
C LEU A 492 -4.43 7.09 -18.04
N ILE A 493 -5.64 6.70 -17.66
CA ILE A 493 -5.92 5.30 -17.38
C ILE A 493 -5.54 4.36 -18.56
N PRO A 494 -5.91 4.68 -19.80
CA PRO A 494 -5.56 3.75 -20.89
C PRO A 494 -4.05 3.64 -21.15
N GLU A 495 -3.32 4.71 -20.86
CA GLU A 495 -1.88 4.62 -20.88
C GLU A 495 -1.32 3.70 -19.78
N ALA A 496 -1.85 3.80 -18.58
CA ALA A 496 -1.44 2.95 -17.51
C ALA A 496 -1.67 1.49 -17.94
N ILE A 497 -2.83 1.18 -18.49
CA ILE A 497 -3.12 -0.19 -18.91
C ILE A 497 -2.14 -0.65 -19.97
N ARG A 498 -1.87 0.21 -20.97
CA ARG A 498 -0.89 -0.16 -22.00
C ARG A 498 0.48 -0.39 -21.42
N ARG A 499 0.92 0.46 -20.51
CA ARG A 499 2.27 0.29 -19.96
C ARG A 499 2.38 -0.97 -19.13
N LEU A 500 1.29 -1.34 -18.46
CA LEU A 500 1.25 -2.59 -17.75
C LEU A 500 1.61 -3.81 -18.59
N LYS A 501 1.44 -3.73 -19.92
CA LYS A 501 1.79 -4.84 -20.84
C LYS A 501 2.80 -4.41 -21.91
N ALA B 1 17.23 -10.25 -14.45
CA ALA B 1 18.45 -10.25 -13.58
C ALA B 1 18.07 -10.05 -12.05
N ALA B 2 17.39 -11.03 -11.45
CA ALA B 2 16.69 -10.87 -10.17
C ALA B 2 16.87 -11.99 -9.09
N TRP B 3 17.93 -12.80 -9.18
CA TRP B 3 18.14 -13.88 -8.16
C TRP B 3 18.39 -13.34 -6.74
N LEU B 4 19.18 -12.28 -6.60
CA LEU B 4 19.52 -11.70 -5.31
C LEU B 4 18.50 -10.67 -4.81
N PHE B 5 18.14 -9.72 -5.66
CA PHE B 5 17.26 -8.60 -5.28
C PHE B 5 15.93 -8.55 -6.00
N GLU B 6 14.89 -8.18 -5.27
CA GLU B 6 13.66 -7.56 -5.80
C GLU B 6 13.66 -6.02 -5.48
N ALA B 7 13.43 -5.18 -6.50
CA ALA B 7 13.42 -3.66 -6.38
C ALA B 7 12.46 -3.11 -5.33
K K C . 18.60 -1.09 11.39
PA B4P D . 17.55 -6.73 17.02
O1A B4P D . 18.96 -6.85 16.46
O2A B4P D . 16.56 -5.90 16.26
O3A B4P D . 16.69 -8.05 17.20
PB B4P D . 17.09 -9.56 17.30
O1B B4P D . 18.49 -9.65 17.81
O2B B4P D . 16.77 -10.21 16.02
O3B B4P D . 16.18 -10.18 18.45
PG B4P D . 14.58 -10.31 18.36
O1G B4P D . 14.09 -10.00 16.96
O2G B4P D . 14.08 -9.45 19.52
O3G B4P D . 14.09 -11.80 18.77
PD B4P D . 15.00 -13.13 18.64
O1D B4P D . 14.16 -14.31 19.10
O2D B4P D . 16.24 -13.04 19.52
O5E B4P D . 17.71 -5.98 18.44
C5E B4P D . 17.69 -6.77 19.61
C4E B4P D . 17.98 -6.00 20.90
O4E B4P D . 18.12 -4.58 20.83
C3E B4P D . 16.81 -6.19 21.89
O3E B4P D . 16.67 -7.48 22.45
C2E B4P D . 17.14 -5.18 22.96
O2E B4P D . 18.03 -5.72 23.88
C1E B4P D . 17.74 -4.05 22.12
N9A B4P D . 16.60 -3.10 22.11
C8A B4P D . 15.34 -3.36 21.55
N7A B4P D . 14.59 -2.25 21.75
C5A B4P D . 15.32 -1.31 22.42
C6A B4P D . 15.00 -0.06 22.86
N6A B4P D . 13.87 0.49 22.42
N1A B4P D . 15.94 0.69 23.51
C2A B4P D . 17.20 0.17 23.73
N3A B4P D . 17.50 -1.09 23.29
C4A B4P D . 16.58 -1.84 22.66
O5F B4P D . 15.31 -13.19 17.04
#